data_4GUD
#
_entry.id   4GUD
#
_cell.length_a   84.422
_cell.length_b   118.234
_cell.length_c   42.975
_cell.angle_alpha   90.00
_cell.angle_beta   90.00
_cell.angle_gamma   90.00
#
_symmetry.space_group_name_H-M   'P 21 21 2'
#
loop_
_entity.id
_entity.type
_entity.pdbx_description
1 polymer 'Imidazole glycerol phosphate synthase subunit HisH'
2 non-polymer GLYCEROL
3 non-polymer DI(HYDROXYETHYL)ETHER
4 non-polymer 'PENTAETHYLENE GLYCOL'
5 non-polymer 1,2-ETHANEDIOL
6 water water
#
_entity_poly.entity_id   1
_entity_poly.type   'polypeptide(L)'
_entity_poly.pdbx_seq_one_letter_code
;(MSE)TQNVVIIDTGCANISSVKFAIERLGYAVTISRDPQVVLAADKLFLPGVGTASEA(MSE)KNLTERDLIELVKRVE
KPLLGICLG(MSE)QLLGKLSEEKGQKADEIVQCLGLVDGEVRLLQTGDLPLPH(MSE)GWNTVQVKEGHPLFNGIEPDA
YFYFVHSFA(MSE)PVGDYTIAQCEYGQPFSAAIQAGNYYGVQFHPERSSKAGARLIQNFLELRGENLYFQ
;
_entity_poly.pdbx_strand_id   A,B
#
loop_
_chem_comp.id
_chem_comp.type
_chem_comp.name
_chem_comp.formula
1PE non-polymer 'PENTAETHYLENE GLYCOL' 'C10 H22 O6'
EDO non-polymer 1,2-ETHANEDIOL 'C2 H6 O2'
GOL non-polymer GLYCEROL 'C3 H8 O3'
PEG non-polymer DI(HYDROXYETHYL)ETHER 'C4 H10 O3'
#
# COMPACT_ATOMS: atom_id res chain seq x y z
N GLN A 3 0.46 5.25 17.15
CA GLN A 3 1.28 5.98 16.20
C GLN A 3 0.65 6.01 14.80
N ASN A 4 0.66 7.18 14.17
CA ASN A 4 0.30 7.31 12.77
C ASN A 4 1.51 6.90 11.95
N VAL A 5 1.48 5.70 11.38
CA VAL A 5 2.62 5.14 10.66
C VAL A 5 2.45 5.18 9.14
N VAL A 6 3.43 5.76 8.46
CA VAL A 6 3.40 5.83 7.00
C VAL A 6 4.67 5.25 6.40
N ILE A 7 4.51 4.35 5.43
CA ILE A 7 5.64 3.92 4.62
C ILE A 7 5.62 4.79 3.36
N ILE A 8 6.73 5.49 3.13
N ILE A 8 6.71 5.51 3.13
CA ILE A 8 6.89 6.30 1.92
CA ILE A 8 6.80 6.35 1.94
C ILE A 8 6.77 5.40 0.71
C ILE A 8 6.82 5.48 0.69
N ASP A 9 5.85 5.73 -0.20
CA ASP A 9 5.61 4.85 -1.32
C ASP A 9 6.59 4.99 -2.47
N THR A 10 7.72 4.31 -2.35
CA THR A 10 8.71 4.25 -3.40
C THR A 10 8.29 3.20 -4.42
N GLY A 11 7.27 2.42 -4.06
CA GLY A 11 6.67 1.45 -4.96
C GLY A 11 7.48 0.19 -5.17
N CYS A 12 8.43 -0.06 -4.26
CA CYS A 12 9.33 -1.20 -4.43
C CYS A 12 8.81 -2.47 -3.78
N ALA A 13 9.55 -3.56 -3.96
CA ALA A 13 9.13 -4.89 -3.53
C ALA A 13 9.24 -5.11 -2.03
N ASN A 14 10.02 -4.26 -1.36
N ASN A 14 10.01 -4.26 -1.36
CA ASN A 14 10.27 -4.43 0.07
CA ASN A 14 10.28 -4.41 0.06
C ASN A 14 9.09 -3.98 0.94
C ASN A 14 9.11 -3.94 0.95
N ILE A 15 8.24 -3.12 0.39
CA ILE A 15 7.14 -2.52 1.16
C ILE A 15 6.24 -3.51 1.89
N SER A 16 5.78 -4.54 1.19
CA SER A 16 4.85 -5.51 1.79
C SER A 16 5.46 -6.23 3.00
N SER A 17 6.73 -6.58 2.92
CA SER A 17 7.39 -7.25 4.04
C SER A 17 7.57 -6.29 5.22
N VAL A 18 7.89 -5.03 4.93
CA VAL A 18 7.98 -4.02 5.98
C VAL A 18 6.61 -3.79 6.60
N LYS A 19 5.59 -3.67 5.77
CA LYS A 19 4.25 -3.43 6.25
C LYS A 19 3.81 -4.59 7.15
N PHE A 20 4.12 -5.80 6.72
CA PHE A 20 3.76 -6.99 7.48
C PHE A 20 4.40 -6.98 8.88
N ALA A 21 5.67 -6.62 8.93
CA ALA A 21 6.41 -6.58 10.20
C ALA A 21 5.79 -5.56 11.17
N ILE A 22 5.36 -4.43 10.62
CA ILE A 22 4.78 -3.37 11.43
C ILE A 22 3.38 -3.75 11.92
N GLU A 23 2.58 -4.32 11.03
CA GLU A 23 1.22 -4.74 11.39
C GLU A 23 1.23 -5.85 12.44
N ARG A 24 2.24 -6.71 12.39
N ARG A 24 2.25 -6.70 12.39
CA ARG A 24 2.40 -7.80 13.35
CA ARG A 24 2.38 -7.79 13.36
C ARG A 24 2.60 -7.24 14.76
C ARG A 24 2.58 -7.23 14.77
N LEU A 25 3.14 -6.03 14.84
CA LEU A 25 3.36 -5.35 16.12
C LEU A 25 2.13 -4.60 16.61
N GLY A 26 1.04 -4.64 15.84
CA GLY A 26 -0.22 -4.06 16.25
C GLY A 26 -0.48 -2.66 15.74
N TYR A 27 0.33 -2.21 14.78
CA TYR A 27 0.16 -0.88 14.20
C TYR A 27 -0.47 -0.94 12.82
N ALA A 28 -1.45 -0.07 12.58
CA ALA A 28 -1.99 0.10 11.24
C ALA A 28 -0.95 0.84 10.40
N VAL A 29 -0.83 0.49 9.13
CA VAL A 29 0.16 1.11 8.26
C VAL A 29 -0.50 1.80 7.08
N THR A 30 -0.09 3.03 6.81
CA THR A 30 -0.53 3.74 5.61
C THR A 30 0.61 3.78 4.59
N ILE A 31 0.30 3.54 3.32
CA ILE A 31 1.31 3.66 2.28
C ILE A 31 0.96 4.85 1.41
N SER A 32 1.86 5.83 1.34
CA SER A 32 1.54 7.06 0.64
C SER A 32 2.77 7.79 0.16
N ARG A 33 2.58 8.60 -0.89
CA ARG A 33 3.58 9.60 -1.25
C ARG A 33 2.95 10.99 -1.29
N ASP A 34 1.76 11.10 -0.72
CA ASP A 34 1.07 12.40 -0.63
C ASP A 34 1.66 13.24 0.50
N PRO A 35 2.10 14.47 0.18
CA PRO A 35 2.77 15.38 1.12
C PRO A 35 1.98 15.55 2.42
N GLN A 36 0.68 15.79 2.32
N GLN A 36 0.69 15.81 2.33
CA GLN A 36 -0.17 15.97 3.49
CA GLN A 36 -0.15 15.97 3.52
C GLN A 36 -0.22 14.73 4.38
C GLN A 36 -0.12 14.72 4.39
N VAL A 37 -0.33 13.56 3.77
CA VAL A 37 -0.39 12.30 4.50
C VAL A 37 0.95 12.00 5.15
N VAL A 38 2.02 12.18 4.38
CA VAL A 38 3.38 11.92 4.86
C VAL A 38 3.76 12.88 6.00
N LEU A 39 3.45 14.16 5.85
CA LEU A 39 3.86 15.14 6.85
C LEU A 39 3.01 15.07 8.12
N ALA A 40 1.92 14.31 8.07
CA ALA A 40 1.06 14.14 9.24
C ALA A 40 1.47 12.94 10.07
N ALA A 41 2.32 12.09 9.50
CA ALA A 41 2.74 10.87 10.18
C ALA A 41 3.55 11.11 11.44
N ASP A 42 3.40 10.21 12.40
CA ASP A 42 4.24 10.18 13.59
C ASP A 42 5.57 9.47 13.31
N LYS A 43 5.53 8.45 12.46
CA LYS A 43 6.71 7.66 12.14
C LYS A 43 6.69 7.31 10.66
N LEU A 44 7.86 7.39 10.02
N LEU A 44 7.86 7.41 10.02
CA LEU A 44 7.94 7.11 8.60
CA LEU A 44 8.00 7.15 8.59
C LEU A 44 9.02 6.08 8.29
C LEU A 44 8.99 6.03 8.33
N PHE A 45 8.77 5.28 7.26
CA PHE A 45 9.73 4.29 6.81
C PHE A 45 10.07 4.59 5.37
N LEU A 46 11.35 4.49 5.03
CA LEU A 46 11.81 4.67 3.67
C LEU A 46 12.53 3.41 3.19
N PRO A 47 11.83 2.57 2.40
CA PRO A 47 12.39 1.33 1.88
C PRO A 47 13.08 1.55 0.54
N GLY A 48 13.75 0.53 0.04
CA GLY A 48 14.38 0.62 -1.24
C GLY A 48 15.08 -0.67 -1.63
N VAL A 49 15.18 -0.92 -2.92
CA VAL A 49 15.96 -2.04 -3.42
C VAL A 49 16.54 -1.67 -4.78
N GLY A 50 17.60 -2.39 -5.18
CA GLY A 50 18.26 -2.10 -6.43
C GLY A 50 19.40 -1.14 -6.23
N THR A 51 19.70 -0.36 -7.26
CA THR A 51 20.84 0.55 -7.22
C THR A 51 20.41 1.95 -6.81
N ALA A 52 21.37 2.73 -6.32
CA ALA A 52 21.11 4.11 -5.89
C ALA A 52 20.65 4.96 -7.07
N SER A 53 21.24 4.73 -8.23
CA SER A 53 20.86 5.46 -9.44
C SER A 53 19.37 5.31 -9.73
N GLU A 54 18.91 4.06 -9.81
CA GLU A 54 17.51 3.75 -10.07
C GLU A 54 16.61 4.32 -8.98
N ALA A 55 17.05 4.19 -7.73
CA ALA A 55 16.27 4.63 -6.59
C ALA A 55 16.11 6.16 -6.55
N MSE A 56 17.19 6.87 -6.86
CA MSE A 56 17.10 8.34 -6.90
C MSE A 56 16.26 8.78 -8.08
O MSE A 56 15.52 9.76 -7.99
CB MSE A 56 18.50 8.97 -6.97
CG MSE A 56 19.29 8.90 -5.65
SE MSE A 56 18.45 9.86 -4.17
CE MSE A 56 18.61 11.67 -4.87
N LYS A 57 16.37 8.07 -9.20
CA LYS A 57 15.53 8.29 -10.36
C LYS A 57 14.06 8.10 -10.00
N ASN A 58 13.78 7.03 -9.25
CA ASN A 58 12.43 6.71 -8.81
C ASN A 58 11.87 7.78 -7.88
N LEU A 59 12.70 8.25 -6.95
CA LEU A 59 12.29 9.30 -6.01
C LEU A 59 11.96 10.60 -6.74
N THR A 60 12.76 10.94 -7.74
CA THR A 60 12.53 12.13 -8.55
C THR A 60 11.20 12.05 -9.29
N GLU A 61 11.00 10.94 -10.00
CA GLU A 61 9.80 10.73 -10.81
C GLU A 61 8.53 10.70 -9.97
N ARG A 62 8.67 10.32 -8.70
CA ARG A 62 7.52 10.25 -7.81
C ARG A 62 7.36 11.51 -6.98
N ASP A 63 8.14 12.54 -7.31
CA ASP A 63 8.10 13.82 -6.62
C ASP A 63 8.29 13.63 -5.12
N LEU A 64 9.34 12.91 -4.75
CA LEU A 64 9.58 12.56 -3.36
C LEU A 64 10.89 13.12 -2.81
N ILE A 65 11.71 13.69 -3.68
CA ILE A 65 13.00 14.25 -3.25
C ILE A 65 12.80 15.36 -2.22
N GLU A 66 12.06 16.38 -2.62
N GLU A 66 12.07 16.40 -2.61
CA GLU A 66 11.82 17.54 -1.75
CA GLU A 66 11.88 17.52 -1.69
C GLU A 66 11.03 17.17 -0.52
C GLU A 66 11.04 17.16 -0.48
N LEU A 67 10.12 16.21 -0.65
CA LEU A 67 9.26 15.79 0.45
C LEU A 67 10.05 15.11 1.58
N VAL A 68 10.88 14.14 1.22
CA VAL A 68 11.70 13.45 2.22
C VAL A 68 12.59 14.44 2.99
N LYS A 69 13.12 15.43 2.27
CA LYS A 69 13.93 16.47 2.92
C LYS A 69 13.13 17.38 3.87
N ARG A 70 11.80 17.42 3.71
CA ARG A 70 10.93 18.25 4.57
C ARG A 70 10.45 17.54 5.82
N VAL A 71 10.61 16.23 5.87
CA VAL A 71 10.08 15.43 6.97
C VAL A 71 10.79 15.77 8.29
N GLU A 72 10.01 16.00 9.34
CA GLU A 72 10.56 16.40 10.64
C GLU A 72 10.42 15.32 11.72
N LYS A 73 9.48 14.40 11.51
CA LYS A 73 9.25 13.30 12.46
C LYS A 73 10.24 12.15 12.19
N PRO A 74 10.39 11.21 13.15
CA PRO A 74 11.38 10.15 12.95
C PRO A 74 11.12 9.33 11.68
N LEU A 75 12.18 9.12 10.91
CA LEU A 75 12.08 8.36 9.68
C LEU A 75 13.16 7.28 9.72
N LEU A 76 12.78 6.06 9.35
CA LEU A 76 13.74 4.95 9.33
C LEU A 76 13.97 4.49 7.89
N GLY A 77 15.19 4.70 7.39
CA GLY A 77 15.57 4.17 6.09
C GLY A 77 16.12 2.77 6.26
N ILE A 78 15.68 1.85 5.41
CA ILE A 78 16.14 0.46 5.50
C ILE A 78 16.99 0.06 4.30
N CYS A 79 18.22 -0.39 4.57
CA CYS A 79 19.18 -0.81 3.56
C CYS A 79 19.41 0.29 2.53
N LEU A 80 18.91 0.11 1.32
CA LEU A 80 19.08 1.15 0.30
C LEU A 80 18.42 2.44 0.76
N GLY A 81 17.30 2.34 1.47
CA GLY A 81 16.65 3.48 2.06
C GLY A 81 17.57 4.28 2.96
N MSE A 82 18.43 3.59 3.71
N MSE A 82 18.43 3.59 3.70
CA MSE A 82 19.41 4.25 4.55
CA MSE A 82 19.40 4.24 4.55
C MSE A 82 20.47 4.94 3.70
C MSE A 82 20.48 4.93 3.72
O MSE A 82 20.83 6.10 3.95
O MSE A 82 20.86 6.07 4.00
CB MSE A 82 20.10 3.26 5.49
CB MSE A 82 20.03 3.23 5.50
CG MSE A 82 21.43 3.78 6.06
CG MSE A 82 21.33 3.72 6.14
SE MSE A 82 22.28 2.62 7.39
SE MSE A 82 22.76 2.44 5.86
CE MSE A 82 24.15 2.99 6.99
CE MSE A 82 24.25 3.67 5.70
N GLN A 83 20.97 4.23 2.70
CA GLN A 83 22.04 4.74 1.85
C GLN A 83 21.64 5.99 1.09
N LEU A 84 20.37 6.09 0.73
CA LEU A 84 19.86 7.29 0.05
C LEU A 84 19.94 8.55 0.91
N LEU A 85 20.02 8.39 2.23
CA LEU A 85 20.11 9.55 3.12
C LEU A 85 21.46 10.25 3.05
N GLY A 86 22.49 9.52 2.63
CA GLY A 86 23.83 10.06 2.58
C GLY A 86 24.05 11.06 1.46
N LYS A 87 25.27 11.57 1.35
CA LYS A 87 25.61 12.60 0.36
C LYS A 87 25.70 12.04 -1.05
N LEU A 88 26.26 10.84 -1.17
CA LEU A 88 26.52 10.26 -2.47
C LEU A 88 26.71 8.75 -2.39
N SER A 89 26.66 8.08 -3.53
CA SER A 89 26.94 6.65 -3.58
C SER A 89 27.71 6.27 -4.83
N GLU A 90 28.69 5.39 -4.67
CA GLU A 90 29.43 4.84 -5.79
C GLU A 90 28.58 3.84 -6.56
N GLU A 91 29.02 3.51 -7.76
N GLU A 91 29.04 3.53 -7.77
CA GLU A 91 28.38 2.44 -8.52
CA GLU A 91 28.44 2.50 -8.61
C GLU A 91 29.44 1.60 -9.22
C GLU A 91 29.54 1.55 -9.07
N LYS A 92 29.17 0.30 -9.33
CA LYS A 92 30.11 -0.65 -9.95
C LYS A 92 29.35 -1.72 -10.73
N ASP A 97 30.59 3.69 -14.84
CA ASP A 97 30.32 4.00 -13.45
C ASP A 97 30.31 5.50 -13.19
N GLU A 98 29.38 5.95 -12.36
CA GLU A 98 29.32 7.36 -11.97
C GLU A 98 28.99 7.48 -10.49
N ILE A 99 29.34 8.62 -9.90
CA ILE A 99 28.92 8.92 -8.55
C ILE A 99 27.47 9.37 -8.59
N VAL A 100 26.65 8.76 -7.75
CA VAL A 100 25.24 9.10 -7.69
C VAL A 100 24.98 10.03 -6.51
N GLN A 101 24.48 11.23 -6.80
N GLN A 101 24.48 11.23 -6.79
CA GLN A 101 24.11 12.17 -5.75
CA GLN A 101 24.14 12.18 -5.73
C GLN A 101 22.88 11.67 -5.02
C GLN A 101 22.87 11.73 -5.02
N CYS A 102 22.94 11.60 -3.70
CA CYS A 102 21.81 11.16 -2.92
C CYS A 102 21.19 12.32 -2.14
N LEU A 103 20.41 12.02 -1.10
CA LEU A 103 19.60 13.07 -0.46
C LEU A 103 20.40 14.09 0.35
N GLY A 104 21.55 13.67 0.87
CA GLY A 104 22.43 14.56 1.60
C GLY A 104 21.91 14.96 2.97
N LEU A 105 21.11 14.09 3.59
CA LEU A 105 20.55 14.38 4.91
C LEU A 105 21.49 13.90 6.01
N VAL A 106 22.33 12.94 5.67
CA VAL A 106 23.41 12.50 6.56
C VAL A 106 24.72 12.80 5.88
N ASP A 107 25.66 13.35 6.64
CA ASP A 107 26.96 13.74 6.09
C ASP A 107 27.91 12.52 5.98
N GLY A 108 27.48 11.52 5.22
CA GLY A 108 28.30 10.35 4.96
C GLY A 108 28.23 9.95 3.50
N GLU A 109 29.18 9.14 3.06
CA GLU A 109 29.22 8.65 1.69
C GLU A 109 29.03 7.15 1.65
N VAL A 110 28.53 6.63 0.54
CA VAL A 110 28.36 5.19 0.41
C VAL A 110 29.35 4.64 -0.60
N ARG A 111 30.16 3.68 -0.17
CA ARG A 111 31.26 3.18 -0.97
C ARG A 111 31.21 1.66 -1.02
N LEU A 112 31.87 1.08 -2.00
CA LEU A 112 31.98 -0.38 -2.08
C LEU A 112 32.83 -0.90 -0.92
N LEU A 113 32.31 -1.90 -0.20
CA LEU A 113 33.07 -2.52 0.87
C LEU A 113 34.28 -3.21 0.26
N GLN A 114 35.44 -3.03 0.88
CA GLN A 114 36.63 -3.73 0.44
C GLN A 114 36.88 -4.89 1.40
N THR A 115 36.48 -6.08 0.97
CA THR A 115 36.36 -7.22 1.87
C THR A 115 37.50 -8.22 1.70
N GLY A 116 38.44 -7.91 0.81
CA GLY A 116 39.56 -8.78 0.54
C GLY A 116 39.14 -10.09 -0.09
N ASP A 117 39.47 -11.19 0.58
CA ASP A 117 39.11 -12.52 0.11
C ASP A 117 37.71 -12.93 0.58
N LEU A 118 37.11 -12.09 1.42
CA LEU A 118 35.76 -12.38 1.91
C LEU A 118 34.74 -12.15 0.80
N PRO A 119 33.72 -13.00 0.74
CA PRO A 119 32.73 -12.88 -0.34
C PRO A 119 31.89 -11.62 -0.24
N LEU A 120 31.56 -11.05 -1.41
CA LEU A 120 30.55 -10.01 -1.50
C LEU A 120 29.26 -10.65 -2.04
N PRO A 121 28.10 -10.03 -1.74
CA PRO A 121 27.92 -8.91 -0.81
C PRO A 121 28.15 -9.37 0.63
N HIS A 122 28.19 -8.43 1.56
CA HIS A 122 28.08 -8.77 2.97
C HIS A 122 26.68 -9.33 3.10
N MSE A 123 26.60 -10.65 3.26
CA MSE A 123 25.34 -11.35 3.15
C MSE A 123 25.28 -12.47 4.17
O MSE A 123 26.12 -13.37 4.19
CB MSE A 123 25.22 -11.90 1.74
CG MSE A 123 23.84 -12.37 1.34
SE MSE A 123 23.89 -12.86 -0.55
CE MSE A 123 21.98 -13.09 -0.89
N GLY A 124 24.26 -12.41 5.03
CA GLY A 124 24.12 -13.39 6.10
C GLY A 124 23.80 -12.71 7.41
N TRP A 125 23.96 -13.47 8.50
CA TRP A 125 23.58 -12.99 9.82
C TRP A 125 24.80 -12.50 10.59
N ASN A 126 24.80 -11.22 10.97
CA ASN A 126 25.94 -10.65 11.68
C ASN A 126 25.49 -9.86 12.91
N THR A 127 26.40 -9.67 13.86
CA THR A 127 26.10 -8.89 15.05
C THR A 127 26.50 -7.45 14.83
N VAL A 128 26.01 -6.56 15.68
CA VAL A 128 26.40 -5.17 15.60
C VAL A 128 26.88 -4.66 16.95
N GLN A 129 27.68 -3.61 16.90
N GLN A 129 27.78 -3.69 16.91
CA GLN A 129 28.24 -3.03 18.11
CA GLN A 129 28.21 -3.03 18.12
C GLN A 129 27.65 -1.63 18.31
C GLN A 129 27.48 -1.70 18.18
N VAL A 130 26.72 -1.51 19.26
CA VAL A 130 25.87 -0.33 19.40
C VAL A 130 26.48 0.78 20.28
N LYS A 131 26.28 2.03 19.88
CA LYS A 131 26.62 3.18 20.72
C LYS A 131 25.81 3.12 22.02
N GLU A 132 26.48 3.39 23.13
CA GLU A 132 25.92 3.15 24.46
C GLU A 132 24.50 3.68 24.66
N GLY A 133 23.57 2.74 24.85
CA GLY A 133 22.21 3.08 25.25
C GLY A 133 21.33 3.69 24.18
N HIS A 134 21.68 3.55 22.91
CA HIS A 134 20.81 4.12 21.87
C HIS A 134 19.48 3.38 21.89
N PRO A 135 18.37 4.14 22.02
CA PRO A 135 17.02 3.57 22.19
C PRO A 135 16.55 2.67 21.05
N LEU A 136 17.10 2.84 19.85
CA LEU A 136 16.72 1.97 18.75
C LEU A 136 17.05 0.50 19.05
N PHE A 137 18.05 0.29 19.90
CA PHE A 137 18.51 -1.07 20.23
C PHE A 137 18.19 -1.49 21.67
N ASN A 138 17.31 -0.75 22.32
CA ASN A 138 16.92 -1.09 23.69
C ASN A 138 16.34 -2.50 23.78
N GLY A 139 16.82 -3.27 24.76
CA GLY A 139 16.32 -4.61 25.00
C GLY A 139 16.85 -5.65 24.03
N ILE A 140 17.79 -5.26 23.18
CA ILE A 140 18.39 -6.19 22.24
C ILE A 140 19.81 -6.50 22.72
N GLU A 141 20.12 -7.78 22.91
CA GLU A 141 21.42 -8.18 23.42
C GLU A 141 22.53 -7.84 22.42
N PRO A 142 23.75 -7.61 22.90
CA PRO A 142 24.89 -7.29 22.04
C PRO A 142 25.19 -8.39 21.03
N ASP A 143 24.85 -9.63 21.38
CA ASP A 143 25.17 -10.77 20.53
C ASP A 143 24.01 -11.18 19.59
N ALA A 144 22.99 -10.34 19.49
CA ALA A 144 21.85 -10.62 18.62
C ALA A 144 22.23 -10.47 17.16
N TYR A 145 21.62 -11.28 16.29
CA TYR A 145 21.92 -11.27 14.87
C TYR A 145 20.89 -10.55 14.02
N PHE A 146 21.38 -9.78 13.05
CA PHE A 146 20.54 -9.14 12.05
C PHE A 146 20.95 -9.65 10.68
N TYR A 147 20.02 -9.65 9.74
CA TYR A 147 20.30 -10.14 8.39
C TYR A 147 20.67 -9.03 7.45
N PHE A 148 21.84 -9.17 6.83
CA PHE A 148 22.44 -8.17 5.96
C PHE A 148 22.51 -8.72 4.55
N VAL A 149 22.36 -7.85 3.57
CA VAL A 149 22.64 -8.20 2.18
C VAL A 149 22.95 -6.92 1.41
N HIS A 150 24.23 -6.55 1.35
CA HIS A 150 24.63 -5.29 0.74
C HIS A 150 26.10 -5.35 0.37
N SER A 151 26.46 -4.72 -0.73
CA SER A 151 27.86 -4.68 -1.15
C SER A 151 28.46 -3.31 -0.90
N PHE A 152 27.61 -2.30 -0.86
CA PHE A 152 28.04 -0.95 -0.57
C PHE A 152 27.69 -0.60 0.87
N ALA A 153 28.46 0.31 1.45
CA ALA A 153 28.26 0.67 2.85
C ALA A 153 28.76 2.08 3.14
N MSE A 154 28.29 2.63 4.25
CA MSE A 154 28.75 3.93 4.70
C MSE A 154 29.81 3.70 5.79
O MSE A 154 29.59 2.93 6.72
CB MSE A 154 27.57 4.74 5.25
CG MSE A 154 27.87 6.17 5.61
SE MSE A 154 26.24 7.12 6.12
CE MSE A 154 25.25 6.95 4.47
N PRO A 155 30.97 4.36 5.66
CA PRO A 155 32.00 4.24 6.70
C PRO A 155 31.50 4.73 8.05
N VAL A 156 32.20 4.32 9.11
CA VAL A 156 31.93 4.84 10.44
C VAL A 156 32.23 6.34 10.49
N GLY A 157 31.31 7.11 11.07
CA GLY A 157 31.52 8.54 11.26
C GLY A 157 30.73 9.04 12.46
N ASP A 158 30.59 10.36 12.57
CA ASP A 158 29.88 10.98 13.69
C ASP A 158 28.42 10.56 13.75
N TYR A 159 27.85 10.22 12.60
CA TYR A 159 26.45 9.84 12.46
C TYR A 159 26.18 8.38 12.84
N THR A 160 27.24 7.62 13.10
CA THR A 160 27.08 6.18 13.27
C THR A 160 26.53 5.84 14.66
N ILE A 161 25.46 5.05 14.72
CA ILE A 161 24.92 4.62 16.02
C ILE A 161 25.10 3.12 16.28
N ALA A 162 25.40 2.36 15.24
CA ALA A 162 25.81 0.97 15.39
C ALA A 162 26.86 0.62 14.36
N GLN A 163 27.87 -0.13 14.77
CA GLN A 163 28.95 -0.51 13.86
C GLN A 163 28.89 -2.01 13.57
N CYS A 164 29.34 -2.40 12.39
CA CYS A 164 29.49 -3.81 12.06
C CYS A 164 30.88 -3.98 11.44
N GLU A 165 31.41 -5.18 11.56
N GLU A 165 31.42 -5.19 11.52
CA GLU A 165 32.70 -5.49 10.95
CA GLU A 165 32.75 -5.47 10.97
C GLU A 165 32.53 -6.61 9.94
C GLU A 165 32.70 -6.65 10.00
N TYR A 166 33.02 -6.38 8.73
CA TYR A 166 33.11 -7.44 7.72
C TYR A 166 34.20 -7.04 6.75
N GLY A 167 35.42 -7.51 7.01
CA GLY A 167 36.59 -7.07 6.27
C GLY A 167 37.07 -5.72 6.79
N GLN A 168 36.15 -4.75 6.81
CA GLN A 168 36.41 -3.42 7.34
C GLN A 168 35.23 -3.00 8.20
N PRO A 169 35.46 -2.07 9.15
CA PRO A 169 34.33 -1.56 9.93
C PRO A 169 33.44 -0.66 9.08
N PHE A 170 32.14 -0.71 9.32
CA PHE A 170 31.20 0.17 8.61
C PHE A 170 29.98 0.46 9.47
N SER A 171 29.15 1.38 9.02
CA SER A 171 27.94 1.78 9.74
C SER A 171 26.80 0.78 9.55
N ALA A 172 26.42 0.08 10.61
CA ALA A 172 25.26 -0.80 10.55
C ALA A 172 23.97 0.00 10.76
N ALA A 173 24.09 1.13 11.45
CA ALA A 173 22.97 2.02 11.68
C ALA A 173 23.45 3.44 11.87
N ILE A 174 22.64 4.40 11.44
CA ILE A 174 23.03 5.79 11.50
C ILE A 174 21.87 6.67 11.98
N GLN A 175 22.19 7.89 12.39
CA GLN A 175 21.18 8.88 12.74
C GLN A 175 21.70 10.30 12.47
N ALA A 176 20.82 11.14 11.95
CA ALA A 176 21.09 12.57 11.84
C ALA A 176 19.78 13.28 12.12
N GLY A 177 19.67 13.85 13.31
CA GLY A 177 18.41 14.45 13.74
C GLY A 177 17.28 13.42 13.74
N ASN A 178 16.23 13.70 12.98
CA ASN A 178 15.09 12.79 12.92
C ASN A 178 15.26 11.65 11.91
N TYR A 179 16.36 11.68 11.15
CA TYR A 179 16.59 10.64 10.16
C TYR A 179 17.41 9.50 10.74
N TYR A 180 16.84 8.30 10.71
CA TYR A 180 17.55 7.11 11.16
C TYR A 180 17.75 6.17 9.98
N GLY A 181 18.75 5.30 10.07
CA GLY A 181 18.96 4.33 9.01
C GLY A 181 19.51 3.03 9.54
N VAL A 182 19.12 1.91 8.93
CA VAL A 182 19.75 0.64 9.24
C VAL A 182 20.18 -0.03 7.95
N GLN A 183 21.34 -0.67 7.98
CA GLN A 183 21.93 -1.27 6.79
C GLN A 183 21.42 -2.70 6.58
N PHE A 184 21.03 -3.32 7.69
CA PHE A 184 20.43 -4.65 7.67
C PHE A 184 18.92 -4.54 7.43
N HIS A 185 18.27 -5.68 7.24
CA HIS A 185 16.81 -5.70 7.05
C HIS A 185 16.13 -6.18 8.32
N PRO A 186 15.65 -5.25 9.16
CA PRO A 186 14.99 -5.65 10.41
C PRO A 186 13.73 -6.48 10.15
N GLU A 187 13.05 -6.25 9.03
CA GLU A 187 11.85 -7.01 8.69
C GLU A 187 12.18 -8.47 8.32
N ARG A 188 13.45 -8.75 8.10
N ARG A 188 13.46 -8.75 8.12
CA ARG A 188 13.91 -10.09 7.80
CA ARG A 188 13.89 -10.11 7.80
C ARG A 188 14.87 -10.61 8.87
C ARG A 188 14.66 -10.73 8.97
N SER A 189 14.90 -9.94 10.00
CA SER A 189 15.84 -10.31 11.08
C SER A 189 15.19 -10.91 12.31
N SER A 190 14.08 -11.61 12.13
CA SER A 190 13.45 -12.36 13.22
C SER A 190 13.12 -11.47 14.42
N LYS A 191 13.28 -12.01 15.62
CA LYS A 191 12.92 -11.31 16.85
C LYS A 191 13.76 -10.04 17.11
N ALA A 192 15.04 -10.08 16.77
CA ALA A 192 15.91 -8.93 16.95
C ALA A 192 15.45 -7.75 16.09
N GLY A 193 15.15 -8.04 14.83
CA GLY A 193 14.64 -7.03 13.92
C GLY A 193 13.26 -6.53 14.32
N ALA A 194 12.40 -7.42 14.81
CA ALA A 194 11.07 -7.03 15.26
C ALA A 194 11.15 -6.05 16.42
N ARG A 195 12.05 -6.31 17.36
CA ARG A 195 12.23 -5.43 18.50
C ARG A 195 12.78 -4.06 18.10
N LEU A 196 13.69 -4.05 17.13
CA LEU A 196 14.23 -2.76 16.65
C LEU A 196 13.12 -1.92 16.02
N ILE A 197 12.29 -2.56 15.21
CA ILE A 197 11.13 -1.88 14.62
C ILE A 197 10.19 -1.37 15.70
N GLN A 198 9.91 -2.22 16.69
CA GLN A 198 9.07 -1.79 17.82
C GLN A 198 9.68 -0.60 18.56
N ASN A 199 10.98 -0.65 18.81
CA ASN A 199 11.68 0.46 19.46
C ASN A 199 11.53 1.75 18.68
N PHE A 200 11.66 1.67 17.36
CA PHE A 200 11.55 2.85 16.52
C PHE A 200 10.13 3.42 16.62
N LEU A 201 9.15 2.54 16.57
CA LEU A 201 7.75 2.95 16.65
C LEU A 201 7.42 3.55 18.01
N GLU A 202 8.16 3.14 19.03
CA GLU A 202 7.91 3.60 20.40
C GLU A 202 8.73 4.82 20.83
N LEU A 203 9.63 5.29 19.95
CA LEU A 203 10.42 6.49 20.24
C LEU A 203 9.52 7.67 20.59
N THR B 2 -4.33 17.13 -7.81
CA THR B 2 -5.08 17.82 -6.78
C THR B 2 -5.90 16.86 -5.93
N GLN B 3 -6.49 15.86 -6.57
CA GLN B 3 -7.38 14.94 -5.88
C GLN B 3 -6.66 13.94 -4.98
N ASN B 4 -7.15 13.81 -3.75
N ASN B 4 -7.16 13.81 -3.76
CA ASN B 4 -6.64 12.82 -2.82
CA ASN B 4 -6.66 12.82 -2.82
C ASN B 4 -7.36 11.49 -3.05
C ASN B 4 -7.37 11.49 -3.06
N VAL B 5 -6.63 10.50 -3.56
CA VAL B 5 -7.22 9.21 -3.87
C VAL B 5 -6.74 8.16 -2.90
N VAL B 6 -7.68 7.43 -2.31
CA VAL B 6 -7.37 6.46 -1.27
C VAL B 6 -8.04 5.10 -1.50
N ILE B 7 -7.25 4.04 -1.42
N ILE B 7 -7.24 4.04 -1.42
CA ILE B 7 -7.81 2.69 -1.40
CA ILE B 7 -7.75 2.68 -1.36
C ILE B 7 -7.92 2.27 0.06
C ILE B 7 -7.92 2.33 0.11
N ILE B 8 -9.14 1.99 0.50
CA ILE B 8 -9.39 1.60 1.88
C ILE B 8 -8.75 0.25 2.12
N ASP B 9 -7.87 0.18 3.10
CA ASP B 9 -7.00 -0.99 3.25
C ASP B 9 -7.68 -2.17 3.92
N THR B 10 -8.41 -2.94 3.11
CA THR B 10 -9.00 -4.20 3.55
C THR B 10 -7.95 -5.31 3.57
N GLY B 11 -6.74 -4.99 3.12
CA GLY B 11 -5.63 -5.91 3.17
C GLY B 11 -5.73 -7.13 2.27
N CYS B 12 -6.55 -7.03 1.22
CA CYS B 12 -6.76 -8.17 0.33
C CYS B 12 -5.86 -8.15 -0.91
N ALA B 13 -5.87 -9.24 -1.65
CA ALA B 13 -4.92 -9.47 -2.73
C ALA B 13 -5.05 -8.51 -3.93
N ASN B 14 -6.26 -8.08 -4.24
CA ASN B 14 -6.46 -7.27 -5.45
C ASN B 14 -6.17 -5.78 -5.29
N ILE B 15 -5.71 -5.36 -4.12
CA ILE B 15 -5.36 -3.96 -3.89
C ILE B 15 -4.25 -3.49 -4.85
N SER B 16 -3.23 -4.31 -5.02
CA SER B 16 -2.12 -3.97 -5.90
C SER B 16 -2.56 -3.77 -7.35
N SER B 17 -3.50 -4.59 -7.81
CA SER B 17 -4.03 -4.46 -9.16
C SER B 17 -4.83 -3.18 -9.33
N VAL B 18 -5.64 -2.86 -8.32
CA VAL B 18 -6.41 -1.62 -8.35
C VAL B 18 -5.45 -0.43 -8.34
N LYS B 19 -4.43 -0.51 -7.50
CA LYS B 19 -3.46 0.57 -7.38
C LYS B 19 -2.74 0.78 -8.71
N PHE B 20 -2.32 -0.31 -9.34
CA PHE B 20 -1.62 -0.23 -10.61
C PHE B 20 -2.49 0.44 -11.69
N ALA B 21 -3.77 0.08 -11.73
CA ALA B 21 -4.70 0.67 -12.70
C ALA B 21 -4.87 2.18 -12.49
N ILE B 22 -4.95 2.60 -11.24
CA ILE B 22 -5.10 4.01 -10.93
C ILE B 22 -3.84 4.81 -11.27
N GLU B 23 -2.69 4.26 -10.94
CA GLU B 23 -1.40 4.92 -11.20
C GLU B 23 -1.14 5.03 -12.69
N ARG B 24 -1.66 4.06 -13.43
N ARG B 24 -1.64 4.06 -13.44
CA ARG B 24 -1.54 4.01 -14.88
CA ARG B 24 -1.51 4.06 -14.89
C ARG B 24 -2.25 5.21 -15.51
C ARG B 24 -2.22 5.25 -15.50
N LEU B 25 -3.27 5.70 -14.83
CA LEU B 25 -4.06 6.83 -15.30
C LEU B 25 -3.46 8.16 -14.87
N GLY B 26 -2.36 8.10 -14.13
CA GLY B 26 -1.62 9.28 -13.75
C GLY B 26 -1.93 9.82 -12.37
N TYR B 27 -2.66 9.04 -11.57
CA TYR B 27 -3.01 9.45 -10.22
C TYR B 27 -2.14 8.76 -9.18
N ALA B 28 -1.76 9.50 -8.14
CA ALA B 28 -1.07 8.92 -7.00
C ALA B 28 -2.13 8.35 -6.08
N VAL B 29 -1.83 7.21 -5.46
CA VAL B 29 -2.82 6.52 -4.64
C VAL B 29 -2.27 6.21 -3.25
N THR B 30 -3.07 6.50 -2.23
CA THR B 30 -2.70 6.20 -0.86
C THR B 30 -3.47 4.96 -0.41
N ILE B 31 -2.79 4.03 0.24
CA ILE B 31 -3.46 2.88 0.83
C ILE B 31 -3.55 3.07 2.34
N SER B 32 -4.74 3.04 2.90
CA SER B 32 -4.89 3.37 4.31
C SER B 32 -6.20 2.93 4.94
N ARG B 33 -6.18 2.73 6.25
N ARG B 33 -6.19 2.75 6.25
CA ARG B 33 -7.42 2.56 7.00
CA ARG B 33 -7.43 2.58 6.99
C ARG B 33 -7.52 3.57 8.15
C ARG B 33 -7.55 3.60 8.12
N ASP B 34 -6.66 4.59 8.09
CA ASP B 34 -6.65 5.70 9.04
C ASP B 34 -7.88 6.57 8.75
N PRO B 35 -8.74 6.78 9.77
CA PRO B 35 -9.96 7.55 9.53
C PRO B 35 -9.70 8.99 9.07
N GLN B 36 -8.64 9.63 9.57
N GLN B 36 -8.63 9.61 9.58
CA GLN B 36 -8.34 10.98 9.11
CA GLN B 36 -8.22 10.95 9.16
C GLN B 36 -8.02 10.98 7.62
C GLN B 36 -7.96 11.00 7.67
N VAL B 37 -7.23 10.00 7.19
CA VAL B 37 -6.88 9.90 5.77
C VAL B 37 -8.10 9.55 4.91
N VAL B 38 -8.85 8.53 5.35
CA VAL B 38 -10.02 8.09 4.61
C VAL B 38 -11.11 9.17 4.52
N LEU B 39 -11.41 9.83 5.63
CA LEU B 39 -12.46 10.85 5.61
C LEU B 39 -12.04 12.13 4.88
N ALA B 40 -10.73 12.33 4.70
CA ALA B 40 -10.25 13.52 4.00
C ALA B 40 -10.10 13.30 2.50
N ALA B 41 -10.29 12.05 2.06
CA ALA B 41 -10.07 11.70 0.66
C ALA B 41 -11.15 12.26 -0.26
N ASP B 42 -10.79 12.52 -1.51
CA ASP B 42 -11.72 12.98 -2.53
C ASP B 42 -12.39 11.82 -3.26
N LYS B 43 -11.65 10.73 -3.42
CA LYS B 43 -12.17 9.54 -4.08
C LYS B 43 -11.71 8.31 -3.32
N LEU B 44 -12.60 7.34 -3.13
CA LEU B 44 -12.27 6.13 -2.40
C LEU B 44 -12.58 4.85 -3.16
N PHE B 45 -11.76 3.82 -2.92
CA PHE B 45 -11.98 2.49 -3.48
C PHE B 45 -12.12 1.48 -2.36
N LEU B 46 -13.12 0.61 -2.46
CA LEU B 46 -13.30 -0.45 -1.47
C LEU B 46 -13.23 -1.81 -2.15
N PRO B 47 -12.03 -2.44 -2.12
CA PRO B 47 -11.83 -3.75 -2.75
C PRO B 47 -12.21 -4.87 -1.81
N GLY B 48 -12.31 -6.09 -2.35
CA GLY B 48 -12.62 -7.25 -1.54
C GLY B 48 -12.71 -8.50 -2.37
N VAL B 49 -12.23 -9.60 -1.80
CA VAL B 49 -12.38 -10.93 -2.38
C VAL B 49 -12.68 -11.92 -1.26
N GLY B 50 -13.20 -13.09 -1.63
CA GLY B 50 -13.55 -14.09 -0.65
C GLY B 50 -15.02 -14.05 -0.33
N THR B 51 -15.38 -14.49 0.88
CA THR B 51 -16.78 -14.57 1.27
C THR B 51 -17.19 -13.35 2.08
N ALA B 52 -18.49 -13.05 2.06
CA ALA B 52 -19.01 -11.89 2.78
C ALA B 52 -18.77 -12.04 4.27
N SER B 53 -18.88 -13.27 4.77
CA SER B 53 -18.66 -13.55 6.17
C SER B 53 -17.25 -13.16 6.58
N GLU B 54 -16.27 -13.65 5.83
N GLU B 54 -16.26 -13.63 5.85
CA GLU B 54 -14.87 -13.36 6.08
CA GLU B 54 -14.87 -13.31 6.19
C GLU B 54 -14.56 -11.86 5.95
C GLU B 54 -14.52 -11.84 5.94
N ALA B 55 -15.10 -11.26 4.90
CA ALA B 55 -14.86 -9.84 4.61
C ALA B 55 -15.44 -8.92 5.68
N MSE B 56 -16.65 -9.23 6.17
CA MSE B 56 -17.26 -8.42 7.21
C MSE B 56 -16.51 -8.57 8.54
O MSE B 56 -16.36 -7.59 9.28
CB MSE B 56 -18.75 -8.77 7.40
CG MSE B 56 -19.65 -8.24 6.30
SE MSE B 56 -19.71 -6.29 6.17
CE MSE B 56 -20.48 -5.89 7.90
N LYS B 57 -16.06 -9.78 8.83
CA LYS B 57 -15.21 -10.02 9.99
C LYS B 57 -13.92 -9.20 9.86
N ASN B 58 -13.37 -9.18 8.65
CA ASN B 58 -12.16 -8.42 8.36
C ASN B 58 -12.36 -6.92 8.53
N LEU B 59 -13.51 -6.39 8.11
CA LEU B 59 -13.80 -4.97 8.30
C LEU B 59 -13.93 -4.64 9.78
N THR B 60 -14.53 -5.55 10.52
CA THR B 60 -14.70 -5.36 11.96
C THR B 60 -13.36 -5.32 12.69
N GLU B 61 -12.48 -6.25 12.32
N GLU B 61 -12.47 -6.26 12.34
CA GLU B 61 -11.16 -6.37 12.95
CA GLU B 61 -11.18 -6.32 13.00
C GLU B 61 -10.25 -5.20 12.59
C GLU B 61 -10.27 -5.15 12.62
N ARG B 62 -10.49 -4.59 11.45
CA ARG B 62 -9.69 -3.46 10.99
C ARG B 62 -10.34 -2.13 11.36
N ASP B 63 -11.39 -2.19 12.19
CA ASP B 63 -12.12 -1.01 12.63
C ASP B 63 -12.61 -0.16 11.45
N LEU B 64 -13.21 -0.81 10.47
CA LEU B 64 -13.63 -0.12 9.25
C LEU B 64 -15.14 0.04 9.08
N ILE B 65 -15.91 -0.59 9.95
CA ILE B 65 -17.36 -0.59 9.78
C ILE B 65 -17.98 0.81 9.81
N GLU B 66 -17.84 1.49 10.94
CA GLU B 66 -18.46 2.82 11.06
C GLU B 66 -17.79 3.81 10.11
N LEU B 67 -16.50 3.62 9.88
CA LEU B 67 -15.72 4.49 9.01
C LEU B 67 -16.29 4.50 7.59
N VAL B 68 -16.52 3.33 7.01
CA VAL B 68 -17.08 3.27 5.66
C VAL B 68 -18.48 3.88 5.60
N LYS B 69 -19.26 3.69 6.65
CA LYS B 69 -20.60 4.26 6.72
C LYS B 69 -20.59 5.78 6.86
N ARG B 70 -19.44 6.36 7.25
CA ARG B 70 -19.34 7.80 7.48
C ARG B 70 -18.81 8.56 6.26
N VAL B 71 -18.25 7.85 5.30
CA VAL B 71 -17.69 8.47 4.10
C VAL B 71 -18.76 9.20 3.28
N GLU B 72 -18.44 10.43 2.86
CA GLU B 72 -19.39 11.28 2.13
C GLU B 72 -18.98 11.52 0.68
N LYS B 73 -17.71 11.26 0.39
CA LYS B 73 -17.15 11.49 -0.93
C LYS B 73 -17.37 10.23 -1.77
N PRO B 74 -17.26 10.34 -3.11
CA PRO B 74 -17.49 9.16 -3.96
C PRO B 74 -16.61 7.98 -3.57
N LEU B 75 -17.25 6.82 -3.43
CA LEU B 75 -16.57 5.58 -3.10
C LEU B 75 -16.95 4.53 -4.13
N LEU B 76 -15.98 3.76 -4.59
CA LEU B 76 -16.27 2.70 -5.55
C LEU B 76 -15.95 1.34 -4.94
N GLY B 77 -16.99 0.54 -4.70
CA GLY B 77 -16.82 -0.83 -4.26
C GLY B 77 -16.64 -1.73 -5.47
N ILE B 78 -15.68 -2.64 -5.40
CA ILE B 78 -15.40 -3.55 -6.51
C ILE B 78 -15.65 -5.01 -6.10
N CYS B 79 -16.49 -5.69 -6.87
CA CYS B 79 -16.84 -7.09 -6.67
C CYS B 79 -17.40 -7.31 -5.26
N LEU B 80 -16.66 -8.00 -4.41
CA LEU B 80 -17.12 -8.20 -3.04
C LEU B 80 -17.28 -6.86 -2.32
N GLY B 81 -16.41 -5.89 -2.63
CA GLY B 81 -16.51 -4.55 -2.09
C GLY B 81 -17.87 -3.93 -2.37
N MSE B 82 -18.39 -4.17 -3.57
N MSE B 82 -18.39 -4.19 -3.56
CA MSE B 82 -19.73 -3.69 -3.91
CA MSE B 82 -19.71 -3.71 -3.93
C MSE B 82 -20.79 -4.42 -3.09
C MSE B 82 -20.78 -4.42 -3.11
O MSE B 82 -21.71 -3.80 -2.56
O MSE B 82 -21.72 -3.79 -2.61
CB MSE B 82 -20.04 -3.85 -5.41
CB MSE B 82 -19.97 -3.98 -5.41
CG MSE B 82 -21.53 -3.80 -5.73
CG MSE B 82 -21.34 -3.51 -5.88
SE MSE B 82 -22.00 -3.73 -7.64
SE MSE B 82 -22.03 -4.58 -7.34
CE MSE B 82 -23.62 -4.83 -7.57
CE MSE B 82 -22.78 -6.01 -6.26
N GLN B 83 -20.65 -5.73 -2.99
CA GLN B 83 -21.64 -6.55 -2.29
C GLN B 83 -21.74 -6.20 -0.81
N LEU B 84 -20.62 -5.79 -0.21
CA LEU B 84 -20.62 -5.38 1.20
C LEU B 84 -21.46 -4.14 1.45
N LEU B 85 -21.71 -3.35 0.40
CA LEU B 85 -22.49 -2.13 0.57
C LEU B 85 -23.97 -2.42 0.82
N GLY B 86 -24.42 -3.62 0.44
CA GLY B 86 -25.82 -3.98 0.55
C GLY B 86 -26.25 -4.30 1.97
N LYS B 87 -27.52 -4.65 2.13
CA LYS B 87 -28.08 -4.93 3.45
C LYS B 87 -27.61 -6.26 4.01
N LEU B 88 -27.46 -7.25 3.13
CA LEU B 88 -27.13 -8.60 3.58
C LEU B 88 -26.69 -9.46 2.43
N SER B 89 -26.08 -10.59 2.77
CA SER B 89 -25.64 -11.54 1.76
C SER B 89 -25.90 -12.97 2.21
N GLU B 90 -26.33 -13.79 1.26
CA GLU B 90 -26.52 -15.22 1.49
C GLU B 90 -25.20 -15.96 1.62
N GLU B 91 -25.25 -17.16 2.15
N GLU B 91 -25.28 -17.15 2.17
CA GLU B 91 -24.10 -18.06 2.14
CA GLU B 91 -24.17 -18.09 2.21
C GLU B 91 -24.51 -19.49 1.84
C GLU B 91 -24.67 -19.44 1.72
N LYS B 92 -23.97 -20.04 0.76
CA LYS B 92 -24.24 -21.41 0.34
C LYS B 92 -23.19 -21.93 -0.63
N GLU B 98 -25.61 -19.14 6.67
CA GLU B 98 -26.39 -18.12 7.36
C GLU B 98 -26.51 -16.87 6.51
N ILE B 99 -27.35 -15.94 6.95
CA ILE B 99 -27.43 -14.64 6.32
C ILE B 99 -26.39 -13.73 6.98
N VAL B 100 -25.48 -13.20 6.18
CA VAL B 100 -24.47 -12.28 6.69
C VAL B 100 -24.95 -10.84 6.58
N GLN B 101 -25.03 -10.14 7.71
CA GLN B 101 -25.36 -8.72 7.69
C GLN B 101 -24.19 -7.93 7.11
N CYS B 102 -24.49 -7.07 6.16
CA CYS B 102 -23.48 -6.25 5.53
C CYS B 102 -23.64 -4.78 5.95
N LEU B 103 -23.09 -3.85 5.19
CA LEU B 103 -23.05 -2.44 5.63
C LEU B 103 -24.40 -1.72 5.58
N GLY B 104 -25.30 -2.20 4.70
CA GLY B 104 -26.63 -1.63 4.59
C GLY B 104 -26.65 -0.22 4.06
N LEU B 105 -25.70 0.12 3.20
CA LEU B 105 -25.61 1.45 2.62
C LEU B 105 -26.43 1.53 1.33
N VAL B 106 -26.64 0.38 0.69
CA VAL B 106 -27.51 0.26 -0.47
C VAL B 106 -28.64 -0.69 -0.12
N ASP B 107 -29.87 -0.29 -0.44
CA ASP B 107 -31.04 -1.07 -0.07
C ASP B 107 -31.26 -2.26 -1.00
N GLY B 108 -30.29 -3.18 -1.01
CA GLY B 108 -30.36 -4.37 -1.84
C GLY B 108 -29.80 -5.57 -1.10
N GLU B 109 -30.17 -6.76 -1.53
CA GLU B 109 -29.71 -7.99 -0.88
C GLU B 109 -28.93 -8.83 -1.87
N VAL B 110 -27.89 -9.51 -1.39
CA VAL B 110 -27.07 -10.34 -2.27
C VAL B 110 -27.41 -11.81 -2.05
N ARG B 111 -27.70 -12.51 -3.13
CA ARG B 111 -28.06 -13.93 -3.04
C ARG B 111 -27.36 -14.71 -4.15
N LEU B 112 -27.45 -16.04 -4.06
CA LEU B 112 -26.85 -16.90 -5.07
C LEU B 112 -27.43 -16.56 -6.45
N LEU B 113 -26.56 -16.41 -7.44
N LEU B 113 -26.54 -16.43 -7.43
CA LEU B 113 -27.01 -16.17 -8.80
CA LEU B 113 -26.95 -16.27 -8.82
C LEU B 113 -27.60 -17.48 -9.34
C LEU B 113 -27.63 -17.54 -9.29
N GLN B 114 -28.84 -17.41 -9.82
CA GLN B 114 -29.54 -18.58 -10.38
C GLN B 114 -29.15 -18.77 -11.84
N THR B 115 -28.51 -19.90 -12.13
CA THR B 115 -27.90 -20.11 -13.44
C THR B 115 -28.32 -21.41 -14.11
N GLY B 116 -29.03 -22.26 -13.37
CA GLY B 116 -29.38 -23.57 -13.88
C GLY B 116 -28.13 -24.29 -14.33
N ASP B 117 -28.16 -24.88 -15.52
CA ASP B 117 -27.01 -25.65 -16.00
C ASP B 117 -25.87 -24.83 -16.59
N LEU B 118 -25.99 -23.50 -16.52
CA LEU B 118 -24.85 -22.64 -16.84
C LEU B 118 -23.85 -22.76 -15.71
N PRO B 119 -22.56 -22.70 -16.04
CA PRO B 119 -21.54 -22.88 -14.99
C PRO B 119 -21.43 -21.70 -14.02
N LEU B 120 -21.17 -22.01 -12.76
CA LEU B 120 -20.78 -21.02 -11.77
C LEU B 120 -19.26 -21.08 -11.59
N PRO B 121 -18.63 -19.97 -11.17
CA PRO B 121 -19.25 -18.64 -11.00
C PRO B 121 -19.59 -18.03 -12.35
N HIS B 122 -20.31 -16.92 -12.34
CA HIS B 122 -20.39 -16.10 -13.55
C HIS B 122 -18.96 -15.63 -13.73
N MSE B 123 -18.29 -16.18 -14.73
CA MSE B 123 -16.85 -16.03 -14.84
C MSE B 123 -16.47 -15.90 -16.30
O MSE B 123 -16.72 -16.81 -17.09
CB MSE B 123 -16.19 -17.27 -14.21
CG MSE B 123 -14.71 -17.14 -13.95
SE MSE B 123 -14.07 -18.72 -12.99
CE MSE B 123 -12.26 -18.15 -12.63
N GLY B 124 -15.84 -14.79 -16.65
CA GLY B 124 -15.48 -14.52 -18.03
C GLY B 124 -15.88 -13.11 -18.44
N TRP B 125 -15.85 -12.83 -19.74
CA TRP B 125 -16.09 -11.48 -20.25
C TRP B 125 -17.55 -11.29 -20.71
N ASN B 126 -18.25 -10.34 -20.11
CA ASN B 126 -19.65 -10.11 -20.45
C ASN B 126 -19.93 -8.63 -20.65
N THR B 127 -20.97 -8.32 -21.42
CA THR B 127 -21.36 -6.94 -21.64
C THR B 127 -22.35 -6.53 -20.57
N VAL B 128 -22.53 -5.22 -20.42
CA VAL B 128 -23.49 -4.69 -19.48
C VAL B 128 -24.43 -3.72 -20.18
N GLN B 129 -25.61 -3.56 -19.61
CA GLN B 129 -26.61 -2.68 -20.18
C GLN B 129 -26.83 -1.50 -19.22
N VAL B 130 -26.27 -0.36 -19.60
CA VAL B 130 -26.16 0.79 -18.70
C VAL B 130 -27.45 1.61 -18.67
N LYS B 131 -27.83 2.03 -17.46
CA LYS B 131 -29.07 2.77 -17.28
C LYS B 131 -28.87 4.25 -17.58
N GLU B 132 -29.61 4.74 -18.57
CA GLU B 132 -29.76 6.17 -18.83
C GLU B 132 -28.48 7.00 -18.93
N GLY B 133 -27.51 6.52 -19.70
CA GLY B 133 -26.27 7.26 -19.91
C GLY B 133 -25.53 7.67 -18.65
N HIS B 134 -25.44 6.76 -17.68
CA HIS B 134 -24.78 7.06 -16.42
C HIS B 134 -23.31 7.46 -16.62
N PRO B 135 -22.87 8.53 -15.94
CA PRO B 135 -21.52 9.11 -16.09
C PRO B 135 -20.39 8.11 -15.86
N LEU B 136 -20.62 7.10 -15.03
CA LEU B 136 -19.58 6.12 -14.75
C LEU B 136 -19.20 5.36 -16.02
N PHE B 137 -20.10 5.29 -16.99
CA PHE B 137 -19.86 4.53 -18.21
C PHE B 137 -19.71 5.42 -19.45
N ASN B 138 -19.46 6.71 -19.23
CA ASN B 138 -19.28 7.64 -20.33
C ASN B 138 -18.10 7.25 -21.22
N GLY B 139 -18.31 7.30 -22.54
CA GLY B 139 -17.27 6.98 -23.50
C GLY B 139 -16.99 5.49 -23.65
N ILE B 140 -17.80 4.66 -22.99
CA ILE B 140 -17.69 3.22 -23.13
C ILE B 140 -18.81 2.71 -24.02
N GLU B 141 -18.46 1.94 -25.05
CA GLU B 141 -19.45 1.40 -25.98
C GLU B 141 -20.36 0.40 -25.26
N PRO B 142 -21.63 0.34 -25.68
CA PRO B 142 -22.63 -0.58 -25.12
C PRO B 142 -22.20 -2.05 -25.22
N ASP B 143 -21.39 -2.37 -26.21
CA ASP B 143 -20.95 -3.76 -26.41
C ASP B 143 -19.55 -4.04 -25.87
N ALA B 144 -19.05 -3.16 -25.01
CA ALA B 144 -17.75 -3.37 -24.36
C ALA B 144 -17.81 -4.51 -23.35
N TYR B 145 -16.72 -5.26 -23.23
CA TYR B 145 -16.67 -6.37 -22.29
C TYR B 145 -15.95 -6.03 -21.00
N PHE B 146 -16.49 -6.52 -19.90
CA PHE B 146 -15.86 -6.42 -18.59
C PHE B 146 -15.67 -7.83 -18.06
N TYR B 147 -14.70 -8.00 -17.19
CA TYR B 147 -14.38 -9.30 -16.65
C TYR B 147 -15.05 -9.55 -15.29
N PHE B 148 -15.80 -10.65 -15.21
CA PHE B 148 -16.58 -10.99 -14.02
C PHE B 148 -16.05 -12.27 -13.39
N VAL B 149 -16.09 -12.37 -12.06
CA VAL B 149 -15.91 -13.63 -11.34
C VAL B 149 -16.70 -13.61 -10.04
N HIS B 150 -17.93 -14.09 -10.05
CA HIS B 150 -18.75 -14.06 -8.83
C HIS B 150 -19.87 -15.07 -8.94
N SER B 151 -20.25 -15.66 -7.81
CA SER B 151 -21.34 -16.62 -7.81
C SER B 151 -22.58 -16.04 -7.14
N PHE B 152 -22.39 -14.91 -6.45
CA PHE B 152 -23.51 -14.22 -5.81
C PHE B 152 -23.70 -12.88 -6.47
N ALA B 153 -24.92 -12.34 -6.38
CA ALA B 153 -25.22 -11.09 -7.05
C ALA B 153 -26.40 -10.38 -6.42
N MSE B 154 -26.43 -9.07 -6.60
CA MSE B 154 -27.56 -8.27 -6.18
C MSE B 154 -28.53 -8.20 -7.35
O MSE B 154 -28.10 -7.96 -8.49
CB MSE B 154 -27.06 -6.88 -5.79
CG MSE B 154 -28.02 -6.07 -4.97
SE MSE B 154 -27.18 -4.40 -4.43
CE MSE B 154 -25.86 -5.06 -3.17
N PRO B 155 -29.82 -8.46 -7.10
CA PRO B 155 -30.78 -8.38 -8.21
C PRO B 155 -30.90 -6.96 -8.74
N VAL B 156 -31.52 -6.82 -9.89
CA VAL B 156 -31.79 -5.50 -10.44
C VAL B 156 -32.75 -4.78 -9.48
N GLY B 157 -32.44 -3.53 -9.16
CA GLY B 157 -33.30 -2.75 -8.27
C GLY B 157 -33.26 -1.27 -8.61
N ASP B 158 -33.84 -0.46 -7.75
CA ASP B 158 -33.83 1.00 -7.96
C ASP B 158 -32.42 1.60 -7.91
N TYR B 159 -31.49 0.90 -7.24
CA TYR B 159 -30.10 1.32 -7.09
C TYR B 159 -29.25 0.93 -8.30
N THR B 160 -29.83 0.17 -9.22
CA THR B 160 -29.04 -0.37 -10.33
C THR B 160 -28.74 0.69 -11.38
N ILE B 161 -27.47 0.79 -11.79
CA ILE B 161 -27.11 1.73 -12.85
C ILE B 161 -26.58 1.00 -14.08
N ALA B 162 -26.32 -0.29 -13.95
CA ALA B 162 -26.00 -1.13 -15.09
C ALA B 162 -26.45 -2.56 -14.81
N GLN B 163 -27.02 -3.19 -15.83
CA GLN B 163 -27.57 -4.54 -15.71
C GLN B 163 -26.71 -5.52 -16.49
N CYS B 164 -26.67 -6.77 -16.04
CA CYS B 164 -26.00 -7.84 -16.79
C CYS B 164 -26.92 -9.06 -16.76
N GLU B 165 -26.73 -9.97 -17.73
CA GLU B 165 -27.58 -11.15 -17.85
C GLU B 165 -26.73 -12.42 -17.87
N TYR B 166 -26.97 -13.32 -16.92
CA TYR B 166 -26.34 -14.64 -16.94
C TYR B 166 -27.22 -15.59 -16.13
N GLY B 167 -28.08 -16.33 -16.82
CA GLY B 167 -29.09 -17.15 -16.18
C GLY B 167 -30.29 -16.30 -15.76
N GLN B 168 -29.99 -15.21 -15.05
CA GLN B 168 -30.98 -14.23 -14.66
C GLN B 168 -30.35 -12.86 -14.83
N PRO B 169 -31.18 -11.81 -14.98
CA PRO B 169 -30.62 -10.46 -14.90
C PRO B 169 -30.16 -10.15 -13.48
N PHE B 170 -29.11 -9.33 -13.37
CA PHE B 170 -28.62 -8.90 -12.06
C PHE B 170 -27.93 -7.55 -12.18
N SER B 171 -27.60 -6.94 -11.05
CA SER B 171 -26.90 -5.65 -11.03
C SER B 171 -25.41 -5.82 -11.32
N ALA B 172 -24.95 -5.25 -12.43
CA ALA B 172 -23.52 -5.21 -12.71
C ALA B 172 -22.88 -3.99 -12.06
N ALA B 173 -23.67 -2.95 -11.86
CA ALA B 173 -23.20 -1.75 -11.18
C ALA B 173 -24.35 -1.08 -10.42
N ILE B 174 -24.02 -0.48 -9.29
CA ILE B 174 -25.03 0.15 -8.44
C ILE B 174 -24.60 1.54 -7.96
N GLN B 175 -25.56 2.33 -7.51
CA GLN B 175 -25.28 3.61 -6.88
C GLN B 175 -26.32 3.95 -5.83
N ALA B 176 -25.86 4.45 -4.69
CA ALA B 176 -26.72 5.03 -3.68
C ALA B 176 -26.02 6.26 -3.13
N GLY B 177 -26.38 7.43 -3.64
CA GLY B 177 -25.70 8.65 -3.24
C GLY B 177 -24.24 8.61 -3.65
N ASN B 178 -23.34 8.83 -2.70
CA ASN B 178 -21.91 8.83 -2.98
C ASN B 178 -21.32 7.42 -3.06
N TYR B 179 -22.13 6.40 -2.79
CA TYR B 179 -21.65 5.02 -2.87
C TYR B 179 -21.92 4.41 -4.24
N TYR B 180 -20.84 3.99 -4.91
CA TYR B 180 -20.94 3.29 -6.18
C TYR B 180 -20.38 1.90 -6.02
N GLY B 181 -20.81 0.99 -6.88
CA GLY B 181 -20.23 -0.33 -6.88
C GLY B 181 -20.27 -0.95 -8.25
N VAL B 182 -19.26 -1.77 -8.56
CA VAL B 182 -19.28 -2.57 -9.77
C VAL B 182 -19.03 -4.04 -9.40
N GLN B 183 -19.75 -4.93 -10.08
CA GLN B 183 -19.69 -6.35 -9.78
C GLN B 183 -18.54 -7.00 -10.54
N PHE B 184 -18.15 -6.40 -11.66
CA PHE B 184 -16.99 -6.85 -12.42
C PHE B 184 -15.71 -6.26 -11.85
N HIS B 185 -14.57 -6.67 -12.39
CA HIS B 185 -13.27 -6.13 -12.00
C HIS B 185 -12.72 -5.17 -13.05
N PRO B 186 -12.94 -3.87 -12.87
CA PRO B 186 -12.47 -2.89 -13.86
C PRO B 186 -10.96 -2.91 -14.01
N GLU B 187 -10.25 -3.22 -12.93
CA GLU B 187 -8.78 -3.24 -12.95
C GLU B 187 -8.26 -4.41 -13.79
N ARG B 188 -9.15 -5.34 -14.13
CA ARG B 188 -8.79 -6.49 -14.96
C ARG B 188 -9.52 -6.50 -16.29
N SER B 189 -10.20 -5.41 -16.61
CA SER B 189 -11.08 -5.39 -17.77
C SER B 189 -10.51 -4.53 -18.91
N SER B 190 -9.19 -4.51 -19.03
CA SER B 190 -8.54 -3.84 -20.16
C SER B 190 -8.97 -2.37 -20.31
N LYS B 191 -9.16 -1.92 -21.54
CA LYS B 191 -9.46 -0.51 -21.81
C LYS B 191 -10.81 -0.04 -21.27
N ALA B 192 -11.82 -0.90 -21.35
CA ALA B 192 -13.15 -0.56 -20.84
C ALA B 192 -13.09 -0.32 -19.34
N GLY B 193 -12.39 -1.20 -18.62
CA GLY B 193 -12.24 -1.07 -17.19
C GLY B 193 -11.43 0.16 -16.80
N ALA B 194 -10.39 0.46 -17.57
CA ALA B 194 -9.55 1.62 -17.28
C ALA B 194 -10.36 2.91 -17.45
N ARG B 195 -11.19 2.96 -18.48
CA ARG B 195 -12.03 4.12 -18.73
C ARG B 195 -13.07 4.32 -17.61
N LEU B 196 -13.64 3.23 -17.11
CA LEU B 196 -14.59 3.33 -16.01
C LEU B 196 -13.90 3.89 -14.77
N ILE B 197 -12.69 3.42 -14.49
CA ILE B 197 -11.93 3.93 -13.36
C ILE B 197 -11.62 5.42 -13.55
N GLN B 198 -11.18 5.77 -14.76
CA GLN B 198 -10.94 7.18 -15.08
C GLN B 198 -12.20 8.00 -14.89
N ASN B 199 -13.34 7.51 -15.38
CA ASN B 199 -14.62 8.18 -15.18
C ASN B 199 -14.92 8.45 -13.72
N PHE B 200 -14.71 7.44 -12.87
CA PHE B 200 -14.94 7.58 -11.44
C PHE B 200 -14.02 8.64 -10.84
N LEU B 201 -12.74 8.60 -11.21
CA LEU B 201 -11.77 9.57 -10.71
C LEU B 201 -12.10 10.99 -11.15
N GLU B 202 -12.78 11.11 -12.29
CA GLU B 202 -13.16 12.41 -12.83
C GLU B 202 -14.59 12.85 -12.48
N LEU B 203 -15.27 12.09 -11.63
CA LEU B 203 -16.64 12.43 -11.24
C LEU B 203 -16.72 13.84 -10.65
N ASN B 207 -16.78 17.59 -15.25
CA ASN B 207 -17.57 18.79 -15.51
C ASN B 207 -19.05 18.49 -15.69
N LEU B 208 -19.85 18.88 -14.71
CA LEU B 208 -21.26 18.48 -14.66
C LEU B 208 -22.17 19.20 -15.66
N TYR B 209 -21.95 20.49 -15.87
CA TYR B 209 -22.96 21.31 -16.56
C TYR B 209 -22.55 21.86 -17.92
N PHE B 210 -21.27 22.14 -18.10
CA PHE B 210 -20.80 22.76 -19.34
C PHE B 210 -20.19 21.75 -20.30
C1 GOL C . 16.74 -14.55 4.99
O1 GOL C . 17.36 -15.79 4.71
C2 GOL C . 15.78 -14.71 6.17
O2 GOL C . 15.85 -13.54 6.95
C3 GOL C . 14.35 -14.88 5.67
O3 GOL C . 13.91 -13.71 5.01
C1 PEG D . 22.13 -19.66 10.45
O1 PEG D . 23.01 -20.69 10.76
C2 PEG D . 22.27 -18.35 11.15
O2 PEG D . 21.49 -18.11 12.26
C3 PEG D . 20.83 -16.91 12.39
C4 PEG D . 19.80 -16.80 13.46
O4 PEG D . 18.47 -16.79 13.07
OH2 1PE E . -10.33 -15.15 -28.17
C12 1PE E . -11.69 -15.01 -27.79
C22 1PE E . -12.01 -15.05 -26.31
OH3 1PE E . -12.09 -13.81 -25.60
C13 1PE E . -10.35 -14.18 -23.84
C23 1PE E . -11.77 -13.76 -24.22
OH4 1PE E . -10.10 -14.31 -22.50
C14 1PE E . -8.84 -15.17 -20.55
C24 1PE E . -8.92 -14.91 -22.06
OH5 1PE E . -9.35 -14.15 -19.68
C15 1PE E . -9.29 -12.91 -17.54
C25 1PE E . -9.05 -14.19 -18.35
OH6 1PE E . -8.23 -12.30 -17.02
C16 1PE E . -6.93 -10.24 -16.37
C26 1PE E . -8.18 -10.92 -17.02
OH7 1PE E . -5.98 -9.74 -17.22
C1 EDO F . -13.44 -10.17 -25.38
O1 EDO F . -14.01 -11.48 -25.52
C2 EDO F . -12.24 -10.25 -24.45
O2 EDO F . -11.59 -8.96 -24.40
#